data_6TUF
#
_entry.id   6TUF
#
_cell.length_a   47.175
_cell.length_b   66.440
_cell.length_c   49.219
_cell.angle_alpha   90.000
_cell.angle_beta   92.395
_cell.angle_gamma   90.000
#
_symmetry.space_group_name_H-M   'P 1 21 1'
#
loop_
_entity.id
_entity.type
_entity.pdbx_description
1 polymer 'aldose reductase'
2 non-polymer 'CITRIC ACID'
3 non-polymer 'NADP NICOTINAMIDE-ADENINE-DINUCLEOTIDE PHOSPHATE'
4 non-polymer '2-[5-fluoranyl-2-[[3-[methyl(oxidanyl)-$l^{3}-sulfanyl]phenyl]methylcarbamoyl]phenoxy]ethanoic acid'
5 water water
#
_entity_poly.entity_id   1
_entity_poly.type   'polypeptide(L)'
_entity_poly.pdbx_seq_one_letter_code
;MASRILLNNGAKMPILGLGTWKSPPGQVTEAVKVAIDVGYRHIDCAHVYQNENEVGVAIQEKLREQVVKREELFIVSKLW
CTYHEKGLVKGACQKTLSDLKLDYLDLYLIHWPTGFKPGKEFFPLDESGNVVPSDTNILDTWAAMEELVDEGLVKAIGIS
NFNHLQVEMILNKPGLKYKPAVNQIECHPYLTQEKLIQYCQSKGIVVTAYSPLGSPDRPWAKPEDPSLLEDPRIKAIAAK
HNKTTAQVLIRFPMQRNLVVIPKSVTPERIAENFKVFDFELSSQDMTTLLSYNRNWRVCALLSCTSHKDYPFHEEF
;
_entity_poly.pdbx_strand_id   A
#
# COMPACT_ATOMS: atom_id res chain seq x y z
N MET A 1 1.84 -22.02 0.46
CA MET A 1 3.16 -21.39 0.70
C MET A 1 3.15 -20.70 2.06
N ALA A 2 4.32 -20.24 2.49
CA ALA A 2 4.43 -19.58 3.78
C ALA A 2 3.56 -18.33 3.81
N SER A 3 2.96 -18.07 4.97
CA SER A 3 2.03 -16.96 5.08
C SER A 3 2.72 -15.62 5.29
N ARG A 4 4.00 -15.60 5.72
CA ARG A 4 4.70 -14.35 6.04
C ARG A 4 6.05 -14.30 5.35
N ILE A 5 6.51 -13.07 5.12
CA ILE A 5 7.81 -12.79 4.52
C ILE A 5 8.65 -12.02 5.52
N LEU A 6 9.93 -12.35 5.57
CA LEU A 6 10.85 -11.72 6.50
C LEU A 6 11.31 -10.37 5.95
N LEU A 7 11.11 -9.32 6.75
CA LEU A 7 11.55 -7.98 6.41
C LEU A 7 12.97 -7.75 6.90
N ASN A 8 13.59 -6.69 6.36
CA ASN A 8 14.95 -6.35 6.73
C ASN A 8 15.04 -5.66 8.08
N ASN A 9 13.94 -5.52 8.82
CA ASN A 9 14.01 -5.14 10.22
C ASN A 9 13.90 -6.35 11.15
N GLY A 10 13.89 -7.57 10.60
CA GLY A 10 13.80 -8.76 11.41
C GLY A 10 12.40 -9.23 11.75
N ALA A 11 11.37 -8.48 11.39
CA ALA A 11 9.98 -8.86 11.63
C ALA A 11 9.39 -9.55 10.41
N LYS A 12 8.33 -10.31 10.65
CA LYS A 12 7.64 -11.05 9.60
C LYS A 12 6.33 -10.37 9.25
N MET A 13 6.08 -10.24 7.94
CA MET A 13 4.93 -9.52 7.41
C MET A 13 3.99 -10.48 6.67
N PRO A 14 2.71 -10.52 7.00
CA PRO A 14 1.79 -11.40 6.25
C PRO A 14 1.70 -10.98 4.79
N ILE A 15 1.82 -11.97 3.90
CA ILE A 15 1.85 -11.68 2.47
C ILE A 15 0.49 -11.33 1.89
N LEU A 16 -0.60 -11.58 2.62
CA LEU A 16 -1.94 -11.18 2.21
C LEU A 16 -2.48 -10.22 3.25
N GLY A 17 -2.91 -9.04 2.81
CA GLY A 17 -3.58 -8.11 3.68
C GLY A 17 -4.85 -7.56 3.05
N LEU A 18 -5.63 -6.88 3.88
CA LEU A 18 -6.88 -6.25 3.46
C LEU A 18 -6.64 -4.77 3.14
N GLY A 19 -6.99 -4.37 1.92
CA GLY A 19 -6.98 -2.95 1.59
C GLY A 19 -8.22 -2.24 2.08
N THR A 20 -8.09 -0.92 2.31
CA THR A 20 -9.16 -0.11 2.87
C THR A 20 -9.41 1.20 2.13
N TRP A 21 -8.71 1.49 1.03
CA TRP A 21 -9.03 2.69 0.28
C TRP A 21 -10.40 2.53 -0.37
N LYS A 22 -11.28 3.50 -0.15
CA LYS A 22 -12.64 3.57 -0.69
C LYS A 22 -13.62 2.74 0.13
N SER A 23 -13.18 2.03 1.16
CA SER A 23 -14.10 1.26 1.98
C SER A 23 -14.95 2.24 2.76
N PRO A 24 -16.27 2.27 2.57
CA PRO A 24 -17.06 3.32 3.21
C PRO A 24 -16.95 3.24 4.71
N PRO A 25 -16.96 4.39 5.40
CA PRO A 25 -16.79 4.36 6.85
C PRO A 25 -17.84 3.54 7.55
N GLY A 26 -19.07 3.47 7.01
CA GLY A 26 -20.14 2.69 7.61
C GLY A 26 -20.11 1.22 7.27
N GLN A 27 -19.14 0.79 6.48
CA GLN A 27 -18.96 -0.61 6.12
C GLN A 27 -17.61 -1.17 6.49
N VAL A 28 -16.60 -0.34 6.74
CA VAL A 28 -15.26 -0.84 6.91
C VAL A 28 -15.05 -1.48 8.27
N THR A 29 -15.77 -1.07 9.31
CA THR A 29 -15.65 -1.75 10.60
C THR A 29 -16.05 -3.22 10.45
N GLU A 30 -17.21 -3.48 9.86
N GLU A 30 -17.19 -3.49 9.84
CA GLU A 30 -17.60 -4.86 9.59
CA GLU A 30 -17.58 -4.88 9.64
C GLU A 30 -16.57 -5.57 8.72
C GLU A 30 -16.63 -5.59 8.67
N ALA A 31 -16.11 -4.89 7.66
CA ALA A 31 -15.20 -5.54 6.73
C ALA A 31 -13.95 -6.03 7.45
N VAL A 32 -13.39 -5.20 8.33
CA VAL A 32 -12.17 -5.57 9.01
C VAL A 32 -12.45 -6.65 10.06
N LYS A 33 -13.59 -6.56 10.76
N LYS A 33 -13.61 -6.58 10.73
CA LYS A 33 -13.98 -7.63 11.68
CA LYS A 33 -13.97 -7.63 11.69
C LYS A 33 -14.07 -8.97 10.98
C LYS A 33 -14.11 -8.99 11.00
N VAL A 34 -14.80 -9.02 9.85
CA VAL A 34 -14.90 -10.26 9.08
C VAL A 34 -13.52 -10.71 8.64
N ALA A 35 -12.71 -9.79 8.11
CA ALA A 35 -11.39 -10.17 7.65
C ALA A 35 -10.61 -10.87 8.75
N ILE A 36 -10.57 -10.28 9.94
CA ILE A 36 -9.83 -10.91 11.03
C ILE A 36 -10.43 -12.26 11.38
N ASP A 37 -11.77 -12.36 11.40
CA ASP A 37 -12.41 -13.63 11.71
C ASP A 37 -12.02 -14.71 10.72
N VAL A 38 -11.81 -14.37 9.45
CA VAL A 38 -11.54 -15.37 8.42
C VAL A 38 -10.05 -15.53 8.14
N GLY A 39 -9.19 -14.89 8.91
CA GLY A 39 -7.78 -15.19 8.91
C GLY A 39 -6.86 -14.06 8.54
N TYR A 40 -7.35 -12.91 8.07
CA TYR A 40 -6.44 -11.83 7.75
C TYR A 40 -5.76 -11.35 9.02
N ARG A 41 -4.48 -11.05 8.89
CA ARG A 41 -3.68 -10.53 9.99
C ARG A 41 -2.93 -9.26 9.62
N HIS A 42 -3.18 -8.72 8.44
CA HIS A 42 -2.51 -7.55 7.90
C HIS A 42 -3.60 -6.68 7.32
N ILE A 43 -3.66 -5.42 7.77
CA ILE A 43 -4.59 -4.42 7.27
C ILE A 43 -3.77 -3.25 6.75
N ASP A 44 -4.07 -2.81 5.52
CA ASP A 44 -3.42 -1.65 4.90
C ASP A 44 -4.34 -0.44 5.03
N CYS A 45 -3.81 0.62 5.65
CA CYS A 45 -4.56 1.82 6.03
C CYS A 45 -3.84 3.06 5.52
N ALA A 46 -4.53 4.20 5.62
CA ALA A 46 -3.89 5.49 5.39
C ALA A 46 -4.76 6.61 5.94
N HIS A 47 -4.11 7.65 6.47
CA HIS A 47 -4.84 8.81 6.95
C HIS A 47 -5.69 9.43 5.83
N VAL A 48 -5.16 9.49 4.61
CA VAL A 48 -5.89 10.13 3.52
C VAL A 48 -7.17 9.37 3.15
N TYR A 49 -7.30 8.12 3.57
CA TYR A 49 -8.51 7.35 3.24
C TYR A 49 -9.71 7.79 4.07
N GLN A 50 -9.47 8.53 5.16
CA GLN A 50 -10.50 9.14 6.00
C GLN A 50 -11.36 8.12 6.73
N ASN A 51 -10.87 6.89 6.91
CA ASN A 51 -11.63 5.85 7.58
C ASN A 51 -10.81 5.11 8.63
N GLU A 52 -9.69 5.67 9.06
CA GLU A 52 -8.88 4.97 10.04
C GLU A 52 -9.59 4.81 11.39
N ASN A 53 -10.44 5.77 11.77
CA ASN A 53 -11.14 5.60 13.05
C ASN A 53 -11.99 4.34 13.02
N GLU A 54 -12.70 4.12 11.91
CA GLU A 54 -13.60 2.98 11.78
C GLU A 54 -12.83 1.67 11.62
N VAL A 55 -11.70 1.68 10.92
CA VAL A 55 -10.82 0.52 10.92
C VAL A 55 -10.39 0.19 12.34
N GLY A 56 -10.02 1.21 13.10
CA GLY A 56 -9.55 1.01 14.45
C GLY A 56 -10.59 0.40 15.36
N VAL A 57 -11.87 0.79 15.17
CA VAL A 57 -12.93 0.19 15.98
C VAL A 57 -12.91 -1.33 15.82
N ALA A 58 -12.74 -1.80 14.59
CA ALA A 58 -12.72 -3.24 14.33
C ALA A 58 -11.52 -3.91 14.97
N ILE A 59 -10.33 -3.32 14.77
CA ILE A 59 -9.12 -3.89 15.35
C ILE A 59 -9.26 -4.02 16.86
N GLN A 60 -9.70 -2.94 17.51
CA GLN A 60 -9.79 -2.92 18.96
C GLN A 60 -10.81 -3.93 19.45
N GLU A 61 -11.94 -4.08 18.75
CA GLU A 61 -12.94 -5.05 19.19
C GLU A 61 -12.40 -6.47 19.09
N LYS A 62 -11.66 -6.78 18.02
CA LYS A 62 -11.13 -8.13 17.90
C LYS A 62 -10.00 -8.38 18.90
N LEU A 63 -9.25 -7.34 19.27
CA LEU A 63 -8.28 -7.49 20.36
C LEU A 63 -8.99 -7.68 21.70
N ARG A 64 -10.02 -6.87 21.96
CA ARG A 64 -10.77 -7.01 23.21
C ARG A 64 -11.42 -8.38 23.31
N GLU A 65 -11.99 -8.87 22.21
CA GLU A 65 -12.61 -10.18 22.19
C GLU A 65 -11.59 -11.31 22.25
N GLN A 66 -10.29 -11.01 22.15
CA GLN A 66 -9.23 -12.03 22.14
C GLN A 66 -9.39 -12.99 20.95
N VAL A 67 -9.89 -12.48 19.82
CA VAL A 67 -9.86 -13.22 18.57
C VAL A 67 -8.43 -13.31 18.07
N VAL A 68 -7.65 -12.25 18.32
N VAL A 68 -7.63 -12.28 18.37
CA VAL A 68 -6.25 -12.18 17.95
CA VAL A 68 -6.26 -12.17 17.91
C VAL A 68 -5.52 -11.44 19.05
C VAL A 68 -5.50 -11.36 18.95
N LYS A 69 -4.21 -11.62 19.08
CA LYS A 69 -3.32 -10.82 19.92
C LYS A 69 -2.66 -9.75 19.07
N ARG A 70 -2.30 -8.62 19.71
CA ARG A 70 -1.71 -7.53 18.96
C ARG A 70 -0.46 -7.96 18.20
N GLU A 71 0.37 -8.82 18.81
CA GLU A 71 1.61 -9.24 18.16
C GLU A 71 1.35 -10.05 16.90
N GLU A 72 0.15 -10.62 16.75
CA GLU A 72 -0.22 -11.38 15.58
C GLU A 72 -0.73 -10.51 14.44
N LEU A 73 -1.05 -9.26 14.73
CA LEU A 73 -1.51 -8.35 13.69
C LEU A 73 -0.34 -7.56 13.11
N PHE A 74 -0.50 -7.18 11.85
CA PHE A 74 0.48 -6.38 11.12
C PHE A 74 -0.28 -5.21 10.51
N ILE A 75 -0.24 -4.06 11.15
CA ILE A 75 -1.04 -2.91 10.75
C ILE A 75 -0.12 -1.89 10.09
N VAL A 76 -0.50 -1.47 8.89
CA VAL A 76 0.27 -0.56 8.06
C VAL A 76 -0.52 0.72 7.88
N SER A 77 0.15 1.87 8.01
CA SER A 77 -0.43 3.12 7.55
C SER A 77 0.63 3.93 6.82
N LYS A 78 0.25 5.14 6.42
CA LYS A 78 1.03 5.95 5.49
C LYS A 78 0.91 7.42 5.85
N LEU A 79 2.07 8.09 5.78
CA LEU A 79 2.22 9.53 5.98
C LEU A 79 1.75 10.27 4.74
N TRP A 80 0.71 11.10 4.88
CA TRP A 80 0.19 11.81 3.71
C TRP A 80 1.14 12.95 3.29
N CYS A 81 0.97 13.40 2.04
CA CYS A 81 1.89 14.30 1.37
C CYS A 81 1.99 15.67 2.04
N THR A 82 0.93 16.11 2.72
CA THR A 82 0.92 17.40 3.39
C THR A 82 1.61 17.37 4.76
N TYR A 83 2.25 16.26 5.12
CA TYR A 83 2.93 16.12 6.39
C TYR A 83 4.41 15.75 6.21
N HIS A 84 4.99 16.06 5.05
CA HIS A 84 6.41 15.73 4.85
C HIS A 84 7.36 16.59 5.69
N GLU A 85 6.90 17.70 6.25
CA GLU A 85 7.76 18.55 7.09
C GLU A 85 8.24 17.81 8.33
N LYS A 86 9.52 18.03 8.70
CA LYS A 86 10.11 17.44 9.90
C LYS A 86 9.21 17.57 11.14
N GLY A 87 8.67 18.77 11.36
CA GLY A 87 7.89 19.05 12.55
C GLY A 87 6.47 18.54 12.53
N LEU A 88 6.03 17.93 11.42
CA LEU A 88 4.66 17.41 11.32
C LEU A 88 4.59 15.89 11.31
N VAL A 89 5.70 15.20 11.09
CA VAL A 89 5.66 13.75 10.90
C VAL A 89 5.17 13.05 12.16
N LYS A 90 5.73 13.39 13.33
CA LYS A 90 5.34 12.69 14.54
C LYS A 90 3.85 12.84 14.81
N GLY A 91 3.33 14.07 14.68
CA GLY A 91 1.92 14.30 14.97
C GLY A 91 1.02 13.57 14.00
N ALA A 92 1.44 13.47 12.74
CA ALA A 92 0.66 12.73 11.75
C ALA A 92 0.63 11.25 12.11
N CYS A 93 1.76 10.70 12.51
CA CYS A 93 1.80 9.31 12.93
C CYS A 93 0.92 9.11 14.16
N GLN A 94 1.03 10.00 15.14
N GLN A 94 1.03 10.02 15.13
CA GLN A 94 0.25 9.85 16.37
CA GLN A 94 0.27 9.90 16.37
C GLN A 94 -1.25 9.98 16.11
C GLN A 94 -1.24 9.99 16.11
N LYS A 95 -1.66 10.81 15.14
CA LYS A 95 -3.09 10.88 14.82
C LYS A 95 -3.58 9.56 14.25
N THR A 96 -2.79 8.95 13.36
CA THR A 96 -3.11 7.63 12.84
C THR A 96 -3.15 6.59 13.96
N LEU A 97 -2.18 6.63 14.87
CA LEU A 97 -2.19 5.69 15.99
C LEU A 97 -3.44 5.86 16.85
N SER A 98 -3.79 7.11 17.14
N SER A 98 -3.80 7.12 17.14
CA SER A 98 -4.98 7.38 17.95
CA SER A 98 -4.98 7.36 17.96
C SER A 98 -6.23 6.86 17.25
C SER A 98 -6.24 6.88 17.26
N ASP A 99 -6.36 7.13 15.96
CA ASP A 99 -7.52 6.68 15.21
C ASP A 99 -7.60 5.15 15.15
N LEU A 100 -6.47 4.49 14.91
CA LEU A 100 -6.44 3.04 14.81
C LEU A 100 -6.50 2.36 16.17
N LYS A 101 -6.43 3.10 17.28
N LYS A 101 -6.45 3.16 17.25
CA LYS A 101 -6.49 2.52 18.63
CA LYS A 101 -6.41 2.68 18.62
C LYS A 101 -5.23 1.71 18.98
C LYS A 101 -5.28 1.68 18.83
N LEU A 102 -4.10 2.11 18.43
CA LEU A 102 -2.87 1.35 18.57
C LEU A 102 -1.83 2.17 19.30
N ASP A 103 -0.86 1.49 19.91
N ASP A 103 -0.89 1.45 19.90
CA ASP A 103 0.31 2.17 20.47
CA ASP A 103 0.28 2.04 20.52
C ASP A 103 1.57 1.96 19.63
C ASP A 103 1.48 2.06 19.58
N TYR A 104 1.49 1.23 18.53
CA TYR A 104 2.53 1.22 17.52
C TYR A 104 1.92 0.74 16.21
N LEU A 105 2.57 1.11 15.11
CA LEU A 105 2.31 0.53 13.81
C LEU A 105 3.40 -0.50 13.49
N ASP A 106 3.01 -1.55 12.79
CA ASP A 106 4.03 -2.48 12.32
C ASP A 106 4.84 -1.91 11.17
N LEU A 107 4.24 -1.06 10.34
CA LEU A 107 4.89 -0.46 9.20
C LEU A 107 4.26 0.88 8.90
N TYR A 108 5.08 1.91 8.72
CA TYR A 108 4.61 3.23 8.35
C TYR A 108 5.36 3.66 7.08
N LEU A 109 4.60 4.03 6.05
CA LEU A 109 5.14 4.32 4.73
C LEU A 109 5.03 5.81 4.40
N ILE A 110 6.04 6.34 3.72
CA ILE A 110 5.83 7.61 3.02
C ILE A 110 4.90 7.32 1.85
N HIS A 111 3.69 7.92 1.86
CA HIS A 111 2.63 7.49 0.96
C HIS A 111 3.00 7.75 -0.51
N TRP A 112 3.58 8.93 -0.79
CA TRP A 112 4.07 9.31 -2.11
C TRP A 112 5.37 10.09 -1.91
N PRO A 113 6.26 10.08 -2.91
CA PRO A 113 7.49 10.87 -2.78
C PRO A 113 7.26 12.38 -2.83
N THR A 114 6.10 12.82 -3.29
CA THR A 114 5.78 14.23 -3.48
C THR A 114 5.25 14.83 -2.18
N GLY A 115 5.96 15.82 -1.64
CA GLY A 115 5.47 16.59 -0.51
C GLY A 115 4.65 17.78 -1.01
N PHE A 116 3.57 18.07 -0.29
CA PHE A 116 2.66 19.16 -0.60
C PHE A 116 2.65 20.19 0.55
N LYS A 117 2.25 21.41 0.23
CA LYS A 117 2.13 22.45 1.25
C LYS A 117 1.23 21.98 2.39
N PRO A 118 1.66 22.12 3.65
N PRO A 118 1.67 22.11 3.65
CA PRO A 118 0.83 21.72 4.78
CA PRO A 118 0.81 21.70 4.78
C PRO A 118 -0.41 22.59 4.91
C PRO A 118 -0.41 22.60 4.92
N GLY A 119 -1.43 22.03 5.53
CA GLY A 119 -2.70 22.72 5.71
C GLY A 119 -3.83 21.72 5.80
N LYS A 120 -5.06 22.23 5.82
CA LYS A 120 -6.23 21.35 5.98
C LYS A 120 -6.47 20.52 4.74
N GLU A 121 -6.19 21.07 3.56
CA GLU A 121 -6.50 20.41 2.30
C GLU A 121 -5.45 19.35 1.98
N PHE A 122 -5.92 18.15 1.62
CA PHE A 122 -5.00 17.08 1.27
C PHE A 122 -4.33 17.31 -0.08
N PHE A 123 -4.97 18.06 -0.97
CA PHE A 123 -4.39 18.43 -2.26
C PHE A 123 -4.47 19.94 -2.42
N PRO A 124 -3.57 20.69 -1.79
CA PRO A 124 -3.59 22.16 -1.97
C PRO A 124 -3.28 22.52 -3.41
N LEU A 125 -4.14 23.35 -3.98
N LEU A 125 -4.12 23.33 -4.05
CA LEU A 125 -4.04 23.83 -5.35
CA LEU A 125 -4.02 23.51 -5.50
C LEU A 125 -3.76 25.32 -5.39
C LEU A 125 -3.72 24.95 -5.92
N ASP A 126 -2.99 25.72 -6.40
N ASP A 126 -3.12 25.07 -7.11
CA ASP A 126 -2.94 27.13 -6.75
CA ASP A 126 -2.96 26.38 -7.77
C ASP A 126 -4.18 27.49 -7.56
C ASP A 126 -3.75 26.43 -9.08
N GLU A 127 -4.32 28.78 -7.90
CA GLU A 127 -5.53 29.23 -8.56
C GLU A 127 -5.71 28.59 -9.94
N SER A 128 -4.66 27.99 -10.48
CA SER A 128 -4.71 27.36 -11.79
C SER A 128 -4.90 25.84 -11.73
N GLY A 129 -5.02 25.25 -10.54
CA GLY A 129 -5.29 23.83 -10.44
C GLY A 129 -4.09 22.95 -10.21
N ASN A 130 -2.88 23.51 -10.15
N ASN A 130 -2.12 22.28 -10.89
CA ASN A 130 -1.71 22.70 -9.87
CA ASN A 130 -1.03 21.52 -10.29
C ASN A 130 -1.54 22.51 -8.38
C ASN A 130 -0.97 21.75 -8.77
N VAL A 131 -1.03 21.33 -8.01
N VAL A 131 -0.51 20.74 -8.03
CA VAL A 131 -0.70 21.06 -6.61
CA VAL A 131 -0.49 20.84 -6.58
C VAL A 131 0.45 21.94 -6.17
C VAL A 131 0.54 21.89 -6.14
N VAL A 132 0.36 22.44 -4.94
CA VAL A 132 1.36 23.34 -4.37
C VAL A 132 2.37 22.48 -3.61
N PRO A 133 3.63 22.41 -4.06
CA PRO A 133 4.60 21.54 -3.39
C PRO A 133 5.09 22.09 -2.06
N SER A 134 5.68 21.19 -1.27
N SER A 134 5.73 21.23 -1.28
CA SER A 134 6.57 21.51 -0.16
CA SER A 134 6.54 21.67 -0.16
C SER A 134 8.02 21.50 -0.64
C SER A 134 8.01 21.43 -0.50
N ASP A 135 8.86 22.32 0.00
CA ASP A 135 10.30 22.29 -0.30
C ASP A 135 11.04 21.23 0.52
N THR A 136 10.36 20.45 1.35
N THR A 136 10.32 20.37 1.22
CA THR A 136 11.06 19.52 2.22
CA THR A 136 10.94 19.20 1.80
C THR A 136 11.55 18.36 1.38
C THR A 136 11.42 18.27 0.70
N ASN A 137 12.86 18.14 1.39
N ASN A 137 12.48 17.53 0.98
CA ASN A 137 13.44 17.07 0.62
CA ASN A 137 12.94 16.50 0.08
C ASN A 137 13.12 15.71 1.25
C ASN A 137 12.71 15.13 0.72
N ILE A 138 12.93 14.71 0.38
N ILE A 138 12.88 14.09 -0.09
CA ILE A 138 12.48 13.39 0.82
CA ILE A 138 12.62 12.75 0.42
C ILE A 138 13.49 12.71 1.73
C ILE A 138 13.57 12.43 1.57
N LEU A 139 14.79 12.99 1.56
CA LEU A 139 15.78 12.53 2.53
C LEU A 139 15.50 13.07 3.93
N ASP A 140 15.07 14.33 4.04
CA ASP A 140 14.73 14.88 5.34
C ASP A 140 13.44 14.24 5.88
N THR A 141 12.47 13.99 5.00
CA THR A 141 11.31 13.23 5.44
C THR A 141 11.72 11.86 5.94
N TRP A 142 12.67 11.20 5.24
CA TRP A 142 13.12 9.89 5.68
C TRP A 142 13.72 9.95 7.07
N ALA A 143 14.54 10.96 7.35
CA ALA A 143 15.12 11.08 8.68
C ALA A 143 14.04 11.22 9.75
N ALA A 144 12.97 11.94 9.44
CA ALA A 144 11.87 12.06 10.38
C ALA A 144 11.18 10.71 10.59
N MET A 145 11.07 9.90 9.53
CA MET A 145 10.52 8.55 9.68
C MET A 145 11.41 7.70 10.58
N GLU A 146 12.73 7.82 10.42
CA GLU A 146 13.65 7.05 11.26
C GLU A 146 13.45 7.39 12.73
N GLU A 147 13.16 8.65 13.04
N GLU A 147 13.16 8.65 13.04
CA GLU A 147 12.91 9.03 14.43
CA GLU A 147 12.92 9.02 14.43
C GLU A 147 11.73 8.25 15.02
C GLU A 147 11.73 8.27 15.02
N LEU A 148 10.71 7.98 14.21
CA LEU A 148 9.54 7.25 14.72
C LEU A 148 9.92 5.85 15.18
N VAL A 149 10.84 5.20 14.47
CA VAL A 149 11.35 3.90 14.90
C VAL A 149 12.01 4.04 16.26
N ASP A 150 12.85 5.05 16.39
CA ASP A 150 13.63 5.25 17.61
C ASP A 150 12.81 5.73 18.79
N GLU A 151 11.59 6.19 18.56
CA GLU A 151 10.66 6.57 19.61
C GLU A 151 9.65 5.47 19.92
N GLY A 152 9.72 4.37 19.22
CA GLY A 152 8.84 3.24 19.47
C GLY A 152 7.45 3.34 18.88
N LEU A 153 7.19 4.35 18.03
N LEU A 153 7.19 4.33 18.03
CA LEU A 153 5.87 4.51 17.45
CA LEU A 153 5.86 4.50 17.47
C LEU A 153 5.61 3.52 16.32
C LEU A 153 5.60 3.56 16.29
N VAL A 154 6.66 3.09 15.63
CA VAL A 154 6.53 2.19 14.49
C VAL A 154 7.66 1.18 14.54
N LYS A 155 7.36 -0.05 14.12
N LYS A 155 7.37 -0.05 14.12
CA LYS A 155 8.37 -1.11 14.12
CA LYS A 155 8.39 -1.09 14.13
C LYS A 155 9.21 -1.10 12.86
C LYS A 155 9.19 -1.15 12.84
N ALA A 156 8.66 -0.61 11.75
CA ALA A 156 9.34 -0.59 10.47
C ALA A 156 8.86 0.65 9.73
N ILE A 157 9.71 1.14 8.84
CA ILE A 157 9.37 2.24 7.95
C ILE A 157 9.65 1.85 6.50
N GLY A 158 8.90 2.46 5.60
CA GLY A 158 9.06 2.18 4.20
C GLY A 158 8.52 3.30 3.35
N ILE A 159 8.37 3.00 2.07
CA ILE A 159 8.05 3.99 1.06
C ILE A 159 6.98 3.42 0.14
N SER A 160 6.36 4.31 -0.64
CA SER A 160 5.29 3.88 -1.54
C SER A 160 5.31 4.79 -2.75
N ASN A 161 5.13 4.20 -3.93
CA ASN A 161 5.13 4.95 -5.19
C ASN A 161 6.47 5.63 -5.46
N PHE A 162 7.56 5.07 -4.96
CA PHE A 162 8.89 5.57 -5.27
C PHE A 162 9.42 4.84 -6.50
N ASN A 163 9.95 5.59 -7.46
CA ASN A 163 10.60 4.96 -8.59
C ASN A 163 12.01 4.51 -8.21
N HIS A 164 12.69 3.80 -9.11
CA HIS A 164 13.95 3.19 -8.68
C HIS A 164 15.01 4.22 -8.33
N LEU A 165 15.01 5.37 -9.01
CA LEU A 165 15.98 6.41 -8.65
C LEU A 165 15.67 7.02 -7.30
N GLN A 166 14.39 7.10 -6.94
CA GLN A 166 14.01 7.62 -5.63
C GLN A 166 14.30 6.62 -4.53
N VAL A 167 14.09 5.33 -4.78
CA VAL A 167 14.57 4.32 -3.84
C VAL A 167 16.07 4.45 -3.66
N GLU A 168 16.78 4.55 -4.79
CA GLU A 168 18.22 4.68 -4.74
C GLU A 168 18.66 5.91 -3.95
N MET A 169 17.92 7.03 -4.11
N MET A 169 17.91 7.01 -4.08
CA MET A 169 18.22 8.23 -3.35
CA MET A 169 18.25 8.21 -3.31
C MET A 169 18.27 7.92 -1.86
C MET A 169 18.17 7.94 -1.81
N ILE A 170 17.25 7.23 -1.34
N ILE A 170 17.17 7.19 -1.37
CA ILE A 170 17.23 6.91 0.07
CA ILE A 170 17.10 6.82 0.04
C ILE A 170 18.34 5.93 0.42
C ILE A 170 18.27 5.91 0.42
N LEU A 171 18.51 4.88 -0.39
CA LEU A 171 19.57 3.92 -0.08
C LEU A 171 20.92 4.60 -0.03
N ASN A 172 21.11 5.66 -0.82
CA ASN A 172 22.35 6.42 -0.84
C ASN A 172 22.35 7.61 0.12
N LYS A 173 21.32 7.75 0.97
CA LYS A 173 21.25 8.91 1.85
C LYS A 173 22.47 8.95 2.76
N PRO A 174 23.15 10.09 2.88
CA PRO A 174 24.23 10.19 3.87
C PRO A 174 23.70 9.95 5.27
N GLY A 175 24.38 9.08 5.99
CA GLY A 175 23.97 8.80 7.36
C GLY A 175 22.72 7.97 7.49
N LEU A 176 22.28 7.31 6.42
CA LEU A 176 21.10 6.44 6.48
C LEU A 176 21.16 5.53 7.70
N LYS A 177 20.08 5.53 8.49
CA LYS A 177 20.03 4.74 9.71
C LYS A 177 19.22 3.46 9.52
N TYR A 178 18.03 3.56 8.91
CA TYR A 178 17.20 2.39 8.64
C TYR A 178 16.87 2.38 7.16
N LYS A 179 17.17 1.28 6.48
CA LYS A 179 16.75 1.13 5.11
C LYS A 179 15.22 0.99 5.06
N PRO A 180 14.60 1.41 3.96
CA PRO A 180 13.18 1.10 3.79
C PRO A 180 12.96 -0.41 3.81
N ALA A 181 11.93 -0.84 4.55
CA ALA A 181 11.61 -2.25 4.62
C ALA A 181 10.77 -2.70 3.45
N VAL A 182 9.97 -1.79 2.90
CA VAL A 182 8.95 -2.08 1.91
C VAL A 182 8.88 -0.90 0.95
N ASN A 183 8.62 -1.20 -0.33
CA ASN A 183 8.11 -0.23 -1.30
C ASN A 183 6.77 -0.77 -1.78
N GLN A 184 5.70 -0.03 -1.47
CA GLN A 184 4.35 -0.40 -1.90
C GLN A 184 4.03 0.32 -3.21
N ILE A 185 3.75 -0.47 -4.25
CA ILE A 185 3.58 0.04 -5.61
C ILE A 185 2.39 -0.64 -6.27
N GLU A 186 1.86 0.02 -7.29
CA GLU A 186 0.78 -0.58 -8.07
C GLU A 186 1.35 -1.75 -8.86
N CYS A 187 0.66 -2.89 -8.83
CA CYS A 187 1.17 -4.04 -9.57
C CYS A 187 0.06 -5.03 -9.83
N HIS A 188 -0.06 -5.44 -11.10
CA HIS A 188 -1.09 -6.36 -11.58
C HIS A 188 -0.72 -6.76 -13.00
N PRO A 189 -1.47 -7.66 -13.65
CA PRO A 189 -1.06 -8.11 -14.99
C PRO A 189 -0.98 -7.02 -16.04
N TYR A 190 -1.62 -5.86 -15.85
CA TYR A 190 -1.50 -4.78 -16.83
C TYR A 190 -0.39 -3.78 -16.49
N LEU A 191 0.27 -3.95 -15.34
CA LEU A 191 1.36 -3.10 -14.88
C LEU A 191 2.26 -4.01 -14.03
N THR A 192 3.12 -4.78 -14.72
CA THR A 192 3.80 -5.90 -14.09
C THR A 192 5.06 -5.52 -13.33
N GLN A 193 5.67 -4.38 -13.64
CA GLN A 193 6.70 -3.78 -12.78
C GLN A 193 7.97 -4.62 -12.65
N GLU A 194 8.33 -5.38 -13.70
N GLU A 194 8.35 -5.34 -13.71
CA GLU A 194 9.49 -6.27 -13.59
CA GLU A 194 9.46 -6.27 -13.59
C GLU A 194 10.73 -5.51 -13.13
C GLU A 194 10.75 -5.56 -13.20
N LYS A 195 11.01 -4.37 -13.76
CA LYS A 195 12.27 -3.69 -13.48
C LYS A 195 12.31 -3.17 -12.04
N LEU A 196 11.24 -2.52 -11.59
CA LEU A 196 11.28 -1.94 -10.25
C LEU A 196 11.25 -3.04 -9.19
N ILE A 197 10.50 -4.11 -9.43
CA ILE A 197 10.47 -5.22 -8.47
C ILE A 197 11.84 -5.85 -8.34
N GLN A 198 12.51 -6.12 -9.47
CA GLN A 198 13.83 -6.71 -9.41
C GLN A 198 14.79 -5.79 -8.66
N TYR A 199 14.73 -4.48 -8.92
CA TYR A 199 15.63 -3.58 -8.22
C TYR A 199 15.38 -3.64 -6.71
N CYS A 200 14.12 -3.52 -6.29
CA CYS A 200 13.85 -3.50 -4.86
C CYS A 200 14.25 -4.82 -4.20
N GLN A 201 13.85 -5.94 -4.80
CA GLN A 201 14.17 -7.24 -4.21
C GLN A 201 15.69 -7.43 -4.12
N SER A 202 16.43 -6.94 -5.10
CA SER A 202 17.88 -7.08 -5.06
C SER A 202 18.51 -6.30 -3.92
N LYS A 203 17.81 -5.29 -3.41
CA LYS A 203 18.27 -4.50 -2.27
C LYS A 203 17.67 -4.98 -0.96
N GLY A 204 16.94 -6.09 -0.96
CA GLY A 204 16.34 -6.59 0.26
C GLY A 204 15.10 -5.85 0.69
N ILE A 205 14.51 -5.04 -0.19
CA ILE A 205 13.28 -4.31 0.09
C ILE A 205 12.11 -5.17 -0.41
N VAL A 206 11.15 -5.44 0.47
CA VAL A 206 9.97 -6.20 0.09
C VAL A 206 9.00 -5.31 -0.66
N VAL A 207 8.41 -5.81 -1.73
CA VAL A 207 7.45 -5.05 -2.52
C VAL A 207 6.05 -5.51 -2.16
N THR A 208 5.17 -4.55 -1.89
CA THR A 208 3.74 -4.80 -1.76
C THR A 208 3.04 -4.30 -3.01
N ALA A 209 2.21 -5.17 -3.60
CA ALA A 209 1.40 -4.85 -4.77
C ALA A 209 0.05 -4.32 -4.35
N TYR A 210 -0.25 -3.09 -4.76
CA TYR A 210 -1.57 -2.51 -4.55
C TYR A 210 -2.39 -2.54 -5.84
N SER A 211 -3.69 -2.30 -5.70
CA SER A 211 -4.65 -2.42 -6.79
C SER A 211 -4.49 -3.73 -7.58
N PRO A 212 -4.36 -4.87 -6.90
CA PRO A 212 -4.07 -6.12 -7.62
C PRO A 212 -5.21 -6.59 -8.50
N LEU A 213 -6.43 -6.11 -8.25
CA LEU A 213 -7.58 -6.45 -9.06
C LEU A 213 -7.87 -5.38 -10.11
N GLY A 214 -6.99 -4.39 -10.21
CA GLY A 214 -7.24 -3.28 -11.11
C GLY A 214 -8.17 -2.23 -10.60
N SER A 215 -8.44 -2.19 -9.30
CA SER A 215 -9.22 -1.12 -8.68
C SER A 215 -10.49 -0.77 -9.47
N PRO A 216 -11.39 -1.73 -9.69
CA PRO A 216 -12.61 -1.42 -10.44
C PRO A 216 -13.47 -0.31 -9.84
N ASP A 217 -13.32 -0.01 -8.54
CA ASP A 217 -14.08 1.06 -7.90
C ASP A 217 -13.31 2.38 -7.84
N ARG A 218 -12.17 2.48 -8.52
CA ARG A 218 -11.44 3.74 -8.51
C ARG A 218 -12.36 4.87 -9.01
N PRO A 219 -12.29 6.07 -8.43
CA PRO A 219 -13.30 7.08 -8.75
C PRO A 219 -13.20 7.63 -10.16
N TRP A 220 -12.06 7.50 -10.82
CA TRP A 220 -11.83 8.06 -12.15
C TRP A 220 -11.96 7.02 -13.26
N ALA A 221 -12.55 5.86 -12.97
CA ALA A 221 -12.68 4.81 -13.97
C ALA A 221 -13.50 5.30 -15.16
N LYS A 222 -13.09 4.88 -16.35
CA LYS A 222 -13.80 5.17 -17.59
C LYS A 222 -14.24 3.85 -18.24
N PRO A 223 -15.38 3.85 -18.92
CA PRO A 223 -15.88 2.60 -19.52
C PRO A 223 -14.89 1.90 -20.43
N GLU A 224 -14.05 2.65 -21.14
CA GLU A 224 -13.15 2.07 -22.12
C GLU A 224 -11.87 1.51 -21.51
N ASP A 225 -11.65 1.71 -20.21
CA ASP A 225 -10.43 1.22 -19.59
C ASP A 225 -10.41 -0.31 -19.60
N PRO A 226 -9.22 -0.91 -19.61
CA PRO A 226 -9.15 -2.36 -19.45
C PRO A 226 -9.66 -2.80 -18.08
N SER A 227 -10.11 -4.06 -18.03
CA SER A 227 -10.71 -4.65 -16.84
C SER A 227 -10.11 -6.03 -16.59
N LEU A 228 -9.25 -6.13 -15.57
CA LEU A 228 -8.63 -7.41 -15.25
C LEU A 228 -9.66 -8.48 -14.92
N LEU A 229 -10.63 -8.13 -14.08
CA LEU A 229 -11.57 -9.13 -13.62
C LEU A 229 -12.42 -9.68 -14.77
N GLU A 230 -12.53 -8.92 -15.86
N GLU A 230 -12.53 -8.93 -15.86
CA GLU A 230 -13.32 -9.34 -17.01
CA GLU A 230 -13.32 -9.36 -17.01
C GLU A 230 -12.46 -9.80 -18.19
C GLU A 230 -12.47 -9.86 -18.16
N ASP A 231 -11.16 -9.91 -18.01
CA ASP A 231 -10.29 -10.32 -19.09
C ASP A 231 -10.47 -11.82 -19.34
N PRO A 232 -10.93 -12.23 -20.52
CA PRO A 232 -11.22 -13.67 -20.72
C PRO A 232 -10.01 -14.55 -20.59
N ARG A 233 -8.83 -13.99 -20.88
CA ARG A 233 -7.61 -14.77 -20.76
C ARG A 233 -7.32 -15.11 -19.31
N ILE A 234 -7.61 -14.19 -18.40
CA ILE A 234 -7.40 -14.45 -16.98
C ILE A 234 -8.51 -15.34 -16.45
N LYS A 235 -9.74 -15.11 -16.90
CA LYS A 235 -10.84 -16.00 -16.53
C LYS A 235 -10.53 -17.43 -16.91
N ALA A 236 -9.86 -17.64 -18.06
CA ALA A 236 -9.54 -19.00 -18.52
C ALA A 236 -8.54 -19.67 -17.57
N ILE A 237 -7.54 -18.94 -17.10
CA ILE A 237 -6.60 -19.50 -16.14
C ILE A 237 -7.31 -19.84 -14.84
N ALA A 238 -8.19 -18.96 -14.38
CA ALA A 238 -8.98 -19.25 -13.18
C ALA A 238 -9.82 -20.51 -13.34
N ALA A 239 -10.53 -20.62 -14.47
CA ALA A 239 -11.37 -21.79 -14.69
C ALA A 239 -10.55 -23.07 -14.67
N LYS A 240 -9.36 -23.04 -15.26
N LYS A 240 -9.36 -23.03 -15.26
CA LYS A 240 -8.52 -24.23 -15.29
CA LYS A 240 -8.50 -24.21 -15.30
C LYS A 240 -8.16 -24.68 -13.90
C LYS A 240 -8.17 -24.69 -13.89
N HIS A 241 -7.96 -23.75 -12.96
CA HIS A 241 -7.62 -24.06 -11.58
C HIS A 241 -8.84 -24.15 -10.66
N ASN A 242 -10.05 -24.04 -11.20
N ASN A 242 -10.05 -24.03 -11.19
CA ASN A 242 -11.26 -24.05 -10.40
CA ASN A 242 -11.26 -24.06 -10.38
C ASN A 242 -11.21 -23.00 -9.30
C ASN A 242 -11.23 -22.99 -9.29
N LYS A 243 -10.76 -21.80 -9.65
CA LYS A 243 -10.70 -20.66 -8.75
C LYS A 243 -11.38 -19.48 -9.43
N THR A 244 -11.62 -18.40 -8.67
CA THR A 244 -12.15 -17.20 -9.27
C THR A 244 -11.03 -16.38 -9.90
N THR A 245 -11.42 -15.46 -10.77
CA THR A 245 -10.44 -14.55 -11.37
C THR A 245 -9.73 -13.73 -10.31
N ALA A 246 -10.46 -13.26 -9.30
CA ALA A 246 -9.83 -12.53 -8.22
C ALA A 246 -8.78 -13.38 -7.53
N GLN A 247 -9.08 -14.66 -7.30
CA GLN A 247 -8.12 -15.52 -6.60
C GLN A 247 -6.84 -15.69 -7.41
N VAL A 248 -6.96 -15.81 -8.73
CA VAL A 248 -5.77 -15.85 -9.58
C VAL A 248 -5.00 -14.54 -9.48
N LEU A 249 -5.71 -13.40 -9.51
CA LEU A 249 -5.04 -12.10 -9.45
C LEU A 249 -4.35 -11.87 -8.11
N ILE A 250 -4.81 -12.51 -7.03
CA ILE A 250 -4.16 -12.39 -5.74
C ILE A 250 -2.99 -13.37 -5.62
N ARG A 251 -3.15 -14.59 -6.13
CA ARG A 251 -2.08 -15.57 -6.05
C ARG A 251 -0.88 -15.18 -6.92
N PHE A 252 -1.12 -14.50 -8.04
CA PHE A 252 -0.08 -14.06 -8.98
C PHE A 252 1.03 -13.31 -8.24
N PRO A 253 0.75 -12.18 -7.57
CA PRO A 253 1.85 -11.49 -6.88
C PRO A 253 2.48 -12.32 -5.79
N MET A 254 1.69 -13.13 -5.06
CA MET A 254 2.26 -13.97 -4.02
C MET A 254 3.40 -14.82 -4.57
N GLN A 255 3.24 -15.37 -5.77
CA GLN A 255 4.25 -16.24 -6.33
C GLN A 255 5.45 -15.49 -6.89
N ARG A 256 5.40 -14.16 -6.91
CA ARG A 256 6.53 -13.31 -7.25
C ARG A 256 7.25 -12.83 -6.01
N ASN A 257 6.94 -13.41 -4.84
CA ASN A 257 7.50 -12.99 -3.56
C ASN A 257 7.09 -11.58 -3.18
N LEU A 258 5.88 -11.19 -3.60
CA LEU A 258 5.30 -9.91 -3.21
C LEU A 258 4.26 -10.12 -2.12
N VAL A 259 4.01 -9.05 -1.37
CA VAL A 259 2.85 -8.92 -0.50
C VAL A 259 1.74 -8.33 -1.35
N VAL A 260 0.48 -8.67 -1.06
CA VAL A 260 -0.64 -8.19 -1.86
C VAL A 260 -1.80 -7.82 -0.94
N ILE A 261 -2.50 -6.74 -1.29
CA ILE A 261 -3.50 -6.12 -0.41
C ILE A 261 -4.83 -5.85 -1.11
N PRO A 262 -5.51 -6.88 -1.59
CA PRO A 262 -6.83 -6.66 -2.21
C PRO A 262 -7.81 -6.01 -1.23
N LYS A 263 -8.62 -5.08 -1.75
CA LYS A 263 -9.65 -4.40 -0.98
C LYS A 263 -11.02 -5.01 -1.26
N SER A 264 -11.80 -5.23 -0.19
CA SER A 264 -13.22 -5.51 -0.35
C SER A 264 -13.92 -5.11 0.93
N VAL A 265 -15.18 -4.68 0.77
CA VAL A 265 -16.12 -4.55 1.89
C VAL A 265 -17.22 -5.59 1.83
N THR A 266 -17.12 -6.55 0.92
CA THR A 266 -18.16 -7.57 0.75
C THR A 266 -17.76 -8.80 1.52
N PRO A 267 -18.49 -9.21 2.56
CA PRO A 267 -18.03 -10.35 3.37
C PRO A 267 -17.66 -11.59 2.58
N GLU A 268 -18.47 -11.98 1.58
N GLU A 268 -18.48 -11.98 1.59
CA GLU A 268 -18.18 -13.20 0.85
CA GLU A 268 -18.17 -13.20 0.85
C GLU A 268 -16.88 -13.06 0.05
C GLU A 268 -16.87 -13.05 0.08
N ARG A 269 -16.62 -11.87 -0.48
CA ARG A 269 -15.38 -11.66 -1.23
C ARG A 269 -14.18 -11.60 -0.31
N ILE A 270 -14.33 -10.97 0.86
CA ILE A 270 -13.24 -10.95 1.83
C ILE A 270 -12.79 -12.37 2.12
N ALA A 271 -13.74 -13.26 2.39
CA ALA A 271 -13.40 -14.66 2.65
C ALA A 271 -12.82 -15.35 1.43
N GLU A 272 -13.44 -15.17 0.26
CA GLU A 272 -12.95 -15.77 -0.99
C GLU A 272 -11.52 -15.36 -1.28
N ASN A 273 -11.22 -14.07 -1.12
CA ASN A 273 -9.92 -13.54 -1.46
C ASN A 273 -8.81 -14.12 -0.59
N PHE A 274 -9.15 -14.62 0.59
CA PHE A 274 -8.15 -15.21 1.47
C PHE A 274 -7.85 -16.67 1.12
N LYS A 275 -8.69 -17.30 0.30
CA LYS A 275 -8.58 -18.74 0.02
C LYS A 275 -7.69 -18.94 -1.21
N VAL A 276 -6.43 -18.58 -1.02
CA VAL A 276 -5.45 -18.57 -2.11
C VAL A 276 -4.17 -19.27 -1.71
N PHE A 277 -4.18 -19.99 -0.58
CA PHE A 277 -3.03 -20.74 -0.11
C PHE A 277 -3.14 -22.23 -0.43
N ASP A 278 -4.10 -22.62 -1.26
CA ASP A 278 -4.40 -24.02 -1.54
C ASP A 278 -4.25 -24.40 -3.01
N PHE A 279 -3.63 -23.54 -3.82
CA PHE A 279 -3.42 -23.86 -5.23
C PHE A 279 -2.18 -23.12 -5.69
N GLU A 280 -1.64 -23.56 -6.84
N GLU A 280 -1.62 -23.58 -6.80
CA GLU A 280 -0.42 -23.00 -7.38
CA GLU A 280 -0.44 -22.94 -7.38
C GLU A 280 -0.58 -22.72 -8.87
C GLU A 280 -0.65 -22.68 -8.86
N LEU A 281 -0.20 -21.51 -9.29
CA LEU A 281 -0.09 -21.18 -10.70
C LEU A 281 1.21 -21.77 -11.23
N SER A 282 1.17 -22.35 -12.42
CA SER A 282 2.39 -22.89 -13.01
C SER A 282 3.30 -21.76 -13.46
N SER A 283 4.57 -22.10 -13.73
CA SER A 283 5.48 -21.12 -14.31
C SER A 283 4.92 -20.55 -15.63
N GLN A 284 4.33 -21.41 -16.44
CA GLN A 284 3.69 -20.99 -17.68
C GLN A 284 2.54 -20.02 -17.41
N ASP A 285 1.69 -20.31 -16.41
CA ASP A 285 0.65 -19.37 -16.01
C ASP A 285 1.25 -18.03 -15.64
N MET A 286 2.32 -18.06 -14.85
CA MET A 286 2.94 -16.83 -14.38
C MET A 286 3.48 -16.01 -15.54
N THR A 287 4.20 -16.67 -16.45
CA THR A 287 4.74 -15.96 -17.60
C THR A 287 3.62 -15.44 -18.49
N THR A 288 2.55 -16.22 -18.63
CA THR A 288 1.40 -15.78 -19.41
C THR A 288 0.76 -14.53 -18.79
N LEU A 289 0.55 -14.53 -17.48
CA LEU A 289 0.00 -13.35 -16.82
C LEU A 289 0.93 -12.15 -16.99
N LEU A 290 2.24 -12.37 -16.85
CA LEU A 290 3.18 -11.28 -17.04
C LEU A 290 3.07 -10.70 -18.45
N SER A 291 2.72 -11.53 -19.42
CA SER A 291 2.71 -11.09 -20.81
C SER A 291 1.61 -10.07 -21.08
N TYR A 292 0.68 -9.88 -20.13
CA TYR A 292 -0.44 -8.97 -20.34
C TYR A 292 -0.08 -7.53 -20.03
N ASN A 293 1.16 -7.26 -19.62
CA ASN A 293 1.56 -5.92 -19.25
C ASN A 293 1.23 -4.94 -20.37
N ARG A 294 0.63 -3.82 -19.98
CA ARG A 294 0.36 -2.71 -20.88
C ARG A 294 0.83 -1.39 -20.30
N ASN A 295 1.57 -1.39 -19.20
CA ASN A 295 1.97 -0.17 -18.53
C ASN A 295 0.78 0.73 -18.22
N TRP A 296 -0.32 0.12 -17.76
CA TRP A 296 -1.56 0.82 -17.43
C TRP A 296 -1.65 1.05 -15.92
N ARG A 297 -1.79 2.31 -15.51
CA ARG A 297 -1.82 2.69 -14.10
C ARG A 297 -3.21 3.14 -13.64
N VAL A 298 -3.68 2.53 -12.56
CA VAL A 298 -4.81 3.05 -11.78
C VAL A 298 -4.47 4.41 -11.19
N CYS A 299 -3.30 4.51 -10.58
CA CYS A 299 -2.96 5.63 -9.71
C CYS A 299 -1.83 6.44 -10.32
N ALA A 300 -2.15 7.46 -11.08
N ALA A 300 -2.22 7.60 -10.85
CA ALA A 300 -1.12 8.20 -11.81
CA ALA A 300 -1.41 8.66 -11.42
C ALA A 300 -0.80 9.55 -11.18
C ALA A 300 -2.31 9.90 -11.52
N LEU A 301 -1.51 9.94 -10.11
N LEU A 301 -1.78 11.07 -11.16
CA LEU A 301 -1.25 11.19 -9.40
CA LEU A 301 -2.59 12.29 -11.07
C LEU A 301 -1.18 12.37 -10.38
C LEU A 301 -1.99 13.38 -11.95
N LEU A 302 -2.26 12.53 -11.15
N LEU A 302 -2.80 13.89 -12.89
CA LEU A 302 -2.20 13.39 -12.34
CA LEU A 302 -2.34 14.97 -13.75
C LEU A 302 -2.08 14.88 -12.01
C LEU A 302 -1.99 16.22 -12.95
N SER A 303 -2.56 15.33 -10.85
N SER A 303 -2.52 16.35 -11.73
CA SER A 303 -2.51 16.75 -10.48
CA SER A 303 -2.24 17.50 -10.92
C SER A 303 -1.12 17.24 -10.10
C SER A 303 -0.85 17.49 -10.29
N CYS A 304 -0.16 16.34 -10.18
CA CYS A 304 1.17 16.41 -9.60
C CYS A 304 2.26 16.16 -10.64
N THR A 305 1.92 16.14 -11.93
CA THR A 305 2.87 15.74 -12.97
C THR A 305 4.03 16.72 -13.13
N SER A 306 3.95 17.94 -12.58
CA SER A 306 5.08 18.86 -12.60
C SER A 306 5.82 18.93 -11.27
N HIS A 307 5.34 18.24 -10.25
CA HIS A 307 6.07 18.21 -8.99
C HIS A 307 7.48 17.65 -9.24
N LYS A 308 8.48 18.21 -8.58
CA LYS A 308 9.87 17.80 -8.85
C LYS A 308 10.07 16.33 -8.55
N ASP A 309 9.26 15.77 -7.66
CA ASP A 309 9.40 14.40 -7.23
C ASP A 309 8.29 13.51 -7.79
N TYR A 310 7.55 13.96 -8.80
CA TYR A 310 6.58 13.09 -9.44
C TYR A 310 7.30 11.81 -9.90
N PRO A 311 6.78 10.63 -9.55
CA PRO A 311 7.58 9.42 -9.73
C PRO A 311 7.48 8.74 -11.09
N PHE A 312 6.50 9.08 -11.93
CA PHE A 312 6.20 8.23 -13.08
C PHE A 312 6.67 8.79 -14.43
N HIS A 313 7.56 9.79 -14.43
CA HIS A 313 8.24 10.17 -15.66
C HIS A 313 9.33 9.16 -16.02
N GLU A 314 10.12 8.74 -15.04
CA GLU A 314 11.13 7.73 -15.24
C GLU A 314 10.51 6.45 -15.76
N GLU A 315 11.30 5.69 -16.51
CA GLU A 315 10.80 4.41 -17.01
C GLU A 315 10.38 3.51 -15.85
N PHE A 316 11.18 3.48 -14.79
CA PHE A 316 10.81 2.72 -13.60
C PHE A 316 11.53 3.28 -12.39
#